data_7CSH
#
_entry.id   7CSH
#
_cell.length_a   78.001
_cell.length_b   90.465
_cell.length_c   117.562
_cell.angle_alpha   90.000
_cell.angle_beta   90.000
_cell.angle_gamma   90.000
#
_symmetry.space_group_name_H-M   'C 2 2 21'
#
loop_
_entity.id
_entity.type
_entity.pdbx_description
1 polymer 'Pinoresinol reductase 2'
2 non-polymer 'NADPH DIHYDRO-NICOTINAMIDE-ADENINE-DINUCLEOTIDE PHOSPHATE'
3 non-polymer 4-[(3S,3aR,6S,6aR)-6-(3-methoxy-4-oxidanyl-phenyl)-1,3,3a,4,6,6a-hexahydrofuro[3,4-c]furan-3-yl]-2-methoxy-phenol
4 water water
#
_entity_poly.entity_id   1
_entity_poly.type   'polypeptide(L)'
_entity_poly.pdbx_seq_one_letter_code
;MKETNFGEKTRVLVVGGTGSLGRRIVSACLAEGHETYVLQRPEIGVDIEKVQLLLSFKRLGAHLVEGSFSDHQSLVSAVK
QVDVVVSAMSGVHFRTHNIPVQLKLVAAIKEAGNVKRFLPSEFGMDPSRMGHAMPPGSETFDQKMEIRNAIKAAGISHTY
LVGACFAAYFGGNLSQMGTLFPPKNKVDIYGDGNVKVVFVDEDDMAKYTAKTLNDPRTLNKTVYVRPTDNILTQMELVQI
WEKLTEKELEKTYVSGNDFLADIEDKEISHQAGLGHFYHIYYEGCLTDHEVGDDEEATKLYPDVKYKRMDEYLKIFV
;
_entity_poly.pdbx_strand_id   A
#
# COMPACT_ATOMS: atom_id res chain seq x y z
N PHE A 6 9.22 -28.78 13.12
CA PHE A 6 7.91 -29.28 12.70
C PHE A 6 6.96 -28.14 12.41
N GLY A 7 5.98 -28.42 11.57
CA GLY A 7 5.01 -27.41 11.23
C GLY A 7 5.02 -27.09 9.75
N GLU A 8 3.94 -26.46 9.29
CA GLU A 8 3.77 -26.21 7.87
C GLU A 8 4.74 -25.13 7.40
N LYS A 9 5.39 -25.38 6.26
CA LYS A 9 6.28 -24.40 5.64
C LYS A 9 5.47 -23.47 4.74
N THR A 10 5.83 -22.17 4.75
CA THR A 10 5.17 -21.20 3.88
C THR A 10 6.20 -20.65 2.91
N ARG A 11 6.02 -20.94 1.63
CA ARG A 11 6.80 -20.35 0.55
C ARG A 11 6.00 -19.20 -0.04
N VAL A 12 6.64 -18.03 -0.21
CA VAL A 12 5.97 -16.83 -0.69
C VAL A 12 6.70 -16.33 -1.93
N LEU A 13 5.94 -16.06 -3.00
CA LEU A 13 6.47 -15.35 -4.16
C LEU A 13 6.00 -13.90 -4.09
N VAL A 14 6.95 -12.97 -4.09
CA VAL A 14 6.65 -11.53 -4.17
C VAL A 14 6.81 -11.11 -5.63
N VAL A 15 5.74 -10.58 -6.19
CA VAL A 15 5.70 -10.09 -7.57
C VAL A 15 5.63 -8.57 -7.49
N GLY A 16 6.66 -7.89 -7.97
CA GLY A 16 6.84 -6.49 -7.70
C GLY A 16 7.85 -6.20 -6.61
N GLY A 17 8.85 -7.06 -6.44
CA GLY A 17 9.75 -6.99 -5.31
C GLY A 17 10.69 -5.82 -5.30
N THR A 18 10.86 -5.12 -6.42
CA THR A 18 11.70 -3.93 -6.40
C THR A 18 10.87 -2.65 -6.24
N GLY A 19 9.56 -2.76 -6.04
CA GLY A 19 8.74 -1.56 -5.90
C GLY A 19 8.95 -0.90 -4.54
N SER A 20 8.31 0.26 -4.37
CA SER A 20 8.45 0.96 -3.09
C SER A 20 7.94 0.11 -1.94
N LEU A 21 6.72 -0.40 -2.05
CA LEU A 21 6.21 -1.31 -1.03
C LEU A 21 6.79 -2.70 -1.20
N GLY A 22 6.94 -3.12 -2.46
CA GLY A 22 7.38 -4.48 -2.73
C GLY A 22 8.68 -4.84 -2.05
N ARG A 23 9.67 -3.92 -2.09
CA ARG A 23 10.96 -4.24 -1.51
C ARG A 23 10.84 -4.42 0.00
N ARG A 24 9.90 -3.70 0.62
CA ARG A 24 9.68 -3.84 2.06
C ARG A 24 8.96 -5.15 2.37
N ILE A 25 8.05 -5.56 1.49
CA ILE A 25 7.41 -6.87 1.66
C ILE A 25 8.43 -8.00 1.58
N VAL A 26 9.39 -7.92 0.64
CA VAL A 26 10.43 -8.94 0.58
C VAL A 26 11.18 -9.01 1.90
N SER A 27 11.64 -7.85 2.39
CA SER A 27 12.36 -7.79 3.65
C SER A 27 11.53 -8.36 4.79
N ALA A 28 10.26 -7.98 4.87
CA ALA A 28 9.41 -8.45 5.96
C ALA A 28 9.17 -9.96 5.88
N CYS A 29 9.03 -10.51 4.66
CA CYS A 29 8.83 -11.95 4.55
C CYS A 29 10.08 -12.70 5.02
N LEU A 30 11.26 -12.21 4.64
CA LEU A 30 12.50 -12.84 5.11
C LEU A 30 12.57 -12.80 6.63
N ALA A 31 12.25 -11.64 7.21
CA ALA A 31 12.31 -11.47 8.66
C ALA A 31 11.31 -12.37 9.38
N GLU A 32 10.15 -12.62 8.76
CA GLU A 32 9.14 -13.47 9.37
C GLU A 32 9.48 -14.96 9.31
N GLY A 33 10.49 -15.33 8.52
CA GLY A 33 10.89 -16.71 8.36
C GLY A 33 10.23 -17.45 7.20
N HIS A 34 9.48 -16.74 6.35
CA HIS A 34 8.93 -17.39 5.17
C HIS A 34 10.06 -17.74 4.21
N GLU A 35 9.88 -18.82 3.47
CA GLU A 35 10.79 -19.10 2.36
C GLU A 35 10.39 -18.16 1.23
N THR A 36 11.28 -17.20 0.90
CA THR A 36 10.91 -16.00 0.15
C THR A 36 11.49 -16.05 -1.25
N TYR A 37 10.62 -15.92 -2.25
CA TYR A 37 10.94 -15.95 -3.67
C TYR A 37 10.55 -14.61 -4.26
N VAL A 38 11.32 -14.11 -5.23
CA VAL A 38 11.03 -12.81 -5.84
C VAL A 38 11.08 -12.97 -7.36
N LEU A 39 10.08 -12.44 -8.05
CA LEU A 39 10.04 -12.55 -9.50
C LEU A 39 11.10 -11.63 -10.12
N GLN A 40 11.91 -12.21 -11.00
CA GLN A 40 12.96 -11.48 -11.73
C GLN A 40 12.52 -11.40 -13.19
N ARG A 41 11.99 -10.23 -13.58
CA ARG A 41 11.41 -10.09 -14.91
C ARG A 41 12.47 -9.68 -15.92
N PRO A 42 12.49 -10.29 -17.12
CA PRO A 42 13.47 -9.85 -18.12
C PRO A 42 13.29 -8.40 -18.52
N GLU A 43 12.08 -7.86 -18.39
CA GLU A 43 11.79 -6.49 -18.77
C GLU A 43 12.46 -5.47 -17.89
N ILE A 44 13.01 -5.87 -16.73
CA ILE A 44 13.73 -4.86 -15.96
C ILE A 44 15.01 -4.45 -16.68
N GLY A 45 15.48 -5.25 -17.63
CA GLY A 45 16.47 -4.78 -18.60
C GLY A 45 17.75 -4.25 -17.96
N VAL A 46 18.12 -3.01 -18.32
CA VAL A 46 19.37 -2.42 -17.86
C VAL A 46 19.14 -1.45 -16.69
N ASP A 47 18.10 -1.71 -15.90
CA ASP A 47 17.79 -0.87 -14.72
C ASP A 47 18.65 -1.33 -13.55
N ILE A 48 19.73 -0.59 -13.27
CA ILE A 48 20.70 -1.04 -12.27
C ILE A 48 20.09 -1.06 -10.88
N GLU A 49 19.20 -0.10 -10.56
CA GLU A 49 18.60 -0.10 -9.23
C GLU A 49 17.72 -1.33 -9.02
N LYS A 50 16.93 -1.70 -10.02
CA LYS A 50 16.09 -2.89 -9.89
C LYS A 50 16.95 -4.14 -9.77
N VAL A 51 17.93 -4.29 -10.66
CA VAL A 51 18.75 -5.50 -10.63
C VAL A 51 19.47 -5.63 -9.29
N GLN A 52 20.02 -4.53 -8.79
CA GLN A 52 20.81 -4.63 -7.57
C GLN A 52 19.93 -4.80 -6.33
N LEU A 53 18.68 -4.30 -6.35
CA LEU A 53 17.74 -4.68 -5.30
C LEU A 53 17.54 -6.19 -5.28
N LEU A 54 17.26 -6.79 -6.44
CA LEU A 54 17.09 -8.24 -6.47
C LEU A 54 18.31 -8.95 -5.91
N LEU A 55 19.51 -8.54 -6.32
CA LEU A 55 20.70 -9.19 -5.79
C LEU A 55 20.83 -9.00 -4.29
N SER A 56 20.41 -7.83 -3.78
CA SER A 56 20.48 -7.63 -2.33
C SER A 56 19.57 -8.60 -1.61
N PHE A 57 18.41 -8.92 -2.20
CA PHE A 57 17.52 -9.91 -1.59
C PHE A 57 18.16 -11.29 -1.62
N LYS A 58 18.81 -11.63 -2.72
CA LYS A 58 19.47 -12.93 -2.83
C LYS A 58 20.54 -13.09 -1.75
N ARG A 59 21.30 -12.03 -1.47
CA ARG A 59 22.29 -12.09 -0.41
C ARG A 59 21.67 -12.39 0.93
N LEU A 60 20.41 -11.98 1.14
CA LEU A 60 19.72 -12.20 2.41
C LEU A 60 18.95 -13.51 2.44
N GLY A 61 19.04 -14.32 1.39
CA GLY A 61 18.44 -15.64 1.38
C GLY A 61 17.19 -15.79 0.54
N ALA A 62 16.78 -14.73 -0.17
CA ALA A 62 15.67 -14.86 -1.10
C ALA A 62 16.09 -15.61 -2.36
N HIS A 63 15.09 -16.21 -3.02
CA HIS A 63 15.28 -16.98 -4.24
C HIS A 63 14.74 -16.19 -5.42
N LEU A 64 15.60 -15.91 -6.40
CA LEU A 64 15.16 -15.19 -7.58
C LEU A 64 14.58 -16.17 -8.58
N VAL A 65 13.38 -15.86 -9.08
CA VAL A 65 12.64 -16.72 -10.01
C VAL A 65 12.39 -15.93 -11.29
N GLU A 66 12.96 -16.39 -12.41
CA GLU A 66 12.77 -15.69 -13.68
C GLU A 66 11.37 -15.91 -14.23
N GLY A 67 10.74 -14.84 -14.69
CA GLY A 67 9.46 -14.96 -15.33
C GLY A 67 9.00 -13.62 -15.86
N SER A 68 8.11 -13.67 -16.85
CA SER A 68 7.60 -12.48 -17.51
C SER A 68 6.08 -12.54 -17.60
N PHE A 69 5.43 -11.39 -17.36
CA PHE A 69 3.98 -11.32 -17.56
C PHE A 69 3.58 -11.52 -19.02
N SER A 70 4.52 -11.45 -19.96
CA SER A 70 4.21 -11.70 -21.37
C SER A 70 4.30 -13.17 -21.73
N ASP A 71 4.67 -14.01 -20.77
CA ASP A 71 4.91 -15.44 -20.98
C ASP A 71 4.09 -16.20 -19.95
N HIS A 72 2.85 -16.56 -20.33
CA HIS A 72 1.93 -17.19 -19.39
C HIS A 72 2.57 -18.40 -18.72
N GLN A 73 3.25 -19.26 -19.50
CA GLN A 73 3.78 -20.46 -18.87
C GLN A 73 4.91 -20.14 -17.90
N SER A 74 5.66 -19.04 -18.11
CA SER A 74 6.67 -18.68 -17.12
C SER A 74 6.02 -18.23 -15.81
N LEU A 75 4.85 -17.59 -15.87
CA LEU A 75 4.15 -17.23 -14.64
C LEU A 75 3.62 -18.46 -13.94
N VAL A 76 3.05 -19.40 -14.69
CA VAL A 76 2.58 -20.65 -14.09
C VAL A 76 3.74 -21.36 -13.40
N SER A 77 4.88 -21.46 -14.08
CA SER A 77 6.01 -22.15 -13.47
C SER A 77 6.50 -21.44 -12.21
N ALA A 78 6.43 -20.11 -12.18
CA ALA A 78 6.89 -19.40 -10.99
C ALA A 78 5.96 -19.66 -9.80
N VAL A 79 4.64 -19.55 -10.01
CA VAL A 79 3.72 -19.69 -8.89
C VAL A 79 3.60 -21.14 -8.44
N LYS A 80 3.95 -22.11 -9.29
CA LYS A 80 3.94 -23.50 -8.84
C LYS A 80 5.00 -23.76 -7.78
N GLN A 81 5.99 -22.87 -7.63
CA GLN A 81 7.03 -23.10 -6.64
C GLN A 81 6.64 -22.66 -5.23
N VAL A 82 5.51 -21.99 -5.04
CA VAL A 82 5.22 -21.37 -3.76
C VAL A 82 3.80 -21.70 -3.30
N ASP A 83 3.54 -21.31 -2.06
CA ASP A 83 2.23 -21.48 -1.42
C ASP A 83 1.41 -20.21 -1.42
N VAL A 84 2.04 -19.05 -1.38
CA VAL A 84 1.36 -17.77 -1.30
C VAL A 84 2.01 -16.84 -2.30
N VAL A 85 1.19 -16.06 -3.02
CA VAL A 85 1.69 -15.03 -3.93
C VAL A 85 1.24 -13.68 -3.37
N VAL A 86 2.18 -12.73 -3.27
CA VAL A 86 1.89 -11.35 -2.88
C VAL A 86 2.27 -10.47 -4.06
N SER A 87 1.32 -9.70 -4.57
CA SER A 87 1.58 -8.74 -5.64
C SER A 87 1.62 -7.33 -5.09
N ALA A 88 2.70 -6.60 -5.41
CA ALA A 88 2.82 -5.18 -5.07
C ALA A 88 2.90 -4.34 -6.34
N MET A 89 2.11 -4.74 -7.35
CA MET A 89 2.03 -4.05 -8.64
C MET A 89 1.74 -2.56 -8.49
N SER A 90 2.33 -1.76 -9.38
CA SER A 90 2.18 -0.30 -9.31
C SER A 90 0.73 0.15 -9.40
N GLY A 91 0.45 1.30 -8.76
CA GLY A 91 -0.90 1.82 -8.73
C GLY A 91 -0.93 3.26 -8.28
N VAL A 92 -0.07 4.10 -8.86
CA VAL A 92 0.00 5.53 -8.53
C VAL A 92 0.19 6.27 -9.84
N HIS A 93 -0.69 7.22 -10.16
CA HIS A 93 -0.67 7.80 -11.51
C HIS A 93 0.68 8.47 -11.83
N PHE A 94 1.32 9.15 -10.85
CA PHE A 94 2.59 9.80 -11.19
C PHE A 94 3.78 8.85 -11.23
N ARG A 95 3.58 7.55 -10.96
CA ARG A 95 4.64 6.54 -11.05
C ARG A 95 4.49 5.62 -12.26
N THR A 96 3.74 4.52 -12.09
CA THR A 96 2.99 3.86 -13.14
C THR A 96 1.76 3.25 -12.47
N HIS A 97 0.78 2.85 -13.28
CA HIS A 97 -0.52 2.44 -12.76
C HIS A 97 -0.95 1.16 -13.47
N ASN A 98 -0.22 0.06 -13.23
CA ASN A 98 -0.38 -1.13 -14.04
C ASN A 98 -1.10 -2.26 -13.32
N ILE A 99 -1.97 -1.89 -12.37
CA ILE A 99 -2.88 -2.81 -11.69
C ILE A 99 -3.46 -3.88 -12.63
N PRO A 100 -3.99 -3.54 -13.81
CA PRO A 100 -4.64 -4.58 -14.64
C PRO A 100 -3.71 -5.67 -15.13
N VAL A 101 -2.39 -5.43 -15.16
CA VAL A 101 -1.47 -6.49 -15.55
C VAL A 101 -1.61 -7.69 -14.62
N GLN A 102 -2.14 -7.48 -13.41
CA GLN A 102 -2.32 -8.59 -12.49
C GLN A 102 -3.30 -9.64 -13.00
N LEU A 103 -4.18 -9.28 -13.96
CA LEU A 103 -5.08 -10.29 -14.51
C LEU A 103 -4.32 -11.48 -15.06
N LYS A 104 -3.14 -11.22 -15.63
CA LYS A 104 -2.31 -12.31 -16.14
C LYS A 104 -1.80 -13.19 -15.01
N LEU A 105 -1.48 -12.57 -13.87
CA LEU A 105 -1.05 -13.34 -12.70
C LEU A 105 -2.19 -14.17 -12.14
N VAL A 106 -3.41 -13.60 -12.09
CA VAL A 106 -4.57 -14.35 -11.61
C VAL A 106 -4.79 -15.59 -12.48
N ALA A 107 -4.69 -15.43 -13.80
CA ALA A 107 -4.88 -16.57 -14.70
C ALA A 107 -3.83 -17.65 -14.48
N ALA A 108 -2.58 -17.24 -14.23
CA ALA A 108 -1.52 -18.21 -13.97
C ALA A 108 -1.75 -18.93 -12.65
N ILE A 109 -2.18 -18.21 -11.62
CA ILE A 109 -2.49 -18.83 -10.33
C ILE A 109 -3.62 -19.84 -10.49
N LYS A 110 -4.66 -19.48 -11.24
CA LYS A 110 -5.78 -20.41 -11.43
C LYS A 110 -5.31 -21.69 -12.10
N GLU A 111 -4.48 -21.57 -13.14
CA GLU A 111 -4.03 -22.77 -13.84
C GLU A 111 -3.12 -23.62 -12.97
N ALA A 112 -2.25 -22.98 -12.18
CA ALA A 112 -1.28 -23.72 -11.38
C ALA A 112 -1.97 -24.55 -10.31
N GLY A 113 -2.97 -23.99 -9.64
CA GLY A 113 -3.82 -24.74 -8.72
C GLY A 113 -3.29 -24.94 -7.32
N ASN A 114 -2.01 -24.67 -7.07
CA ASN A 114 -1.36 -24.99 -5.80
C ASN A 114 -1.28 -23.80 -4.84
N VAL A 115 -1.70 -22.62 -5.27
CA VAL A 115 -1.51 -21.43 -4.45
C VAL A 115 -2.60 -21.37 -3.38
N LYS A 116 -2.18 -21.32 -2.12
CA LYS A 116 -3.12 -21.32 -1.01
C LYS A 116 -3.71 -19.94 -0.75
N ARG A 117 -3.03 -18.88 -1.17
CA ARG A 117 -3.56 -17.54 -0.95
C ARG A 117 -2.84 -16.54 -1.85
N PHE A 118 -3.61 -15.58 -2.35
CA PHE A 118 -3.10 -14.47 -3.17
C PHE A 118 -3.48 -13.18 -2.48
N LEU A 119 -2.48 -12.32 -2.27
CA LEU A 119 -2.71 -10.94 -1.83
C LEU A 119 -2.45 -10.03 -3.01
N PRO A 120 -3.46 -9.48 -3.66
CA PRO A 120 -3.22 -8.55 -4.78
C PRO A 120 -2.77 -7.20 -4.24
N SER A 121 -2.45 -6.32 -5.18
CA SER A 121 -1.91 -5.01 -4.85
C SER A 121 -3.02 -4.08 -4.38
N GLU A 122 -3.24 -4.08 -3.06
CA GLU A 122 -4.29 -3.30 -2.42
C GLU A 122 -3.59 -2.18 -1.66
N PHE A 123 -3.44 -2.29 -0.34
CA PHE A 123 -2.50 -1.49 0.45
C PHE A 123 -2.85 -0.01 0.48
N GLY A 124 -4.13 0.32 0.31
CA GLY A 124 -4.52 1.71 0.40
C GLY A 124 -6.00 1.82 0.72
N MET A 125 -6.66 2.83 0.15
CA MET A 125 -8.12 2.89 0.30
C MET A 125 -8.76 1.61 -0.20
N ASP A 126 -9.76 1.13 0.52
CA ASP A 126 -10.47 -0.07 0.11
C ASP A 126 -11.26 0.22 -1.15
N PRO A 127 -10.90 -0.35 -2.30
CA PRO A 127 -11.56 0.06 -3.55
C PRO A 127 -13.04 -0.24 -3.56
N SER A 128 -13.49 -1.24 -2.80
CA SER A 128 -14.90 -1.59 -2.78
C SER A 128 -15.76 -0.51 -2.13
N ARG A 129 -15.15 0.44 -1.41
CA ARG A 129 -15.89 1.53 -0.79
C ARG A 129 -15.92 2.78 -1.66
N MET A 130 -15.23 2.78 -2.79
CA MET A 130 -14.92 4.00 -3.54
C MET A 130 -15.64 4.08 -4.88
N GLY A 131 -16.82 3.47 -4.98
CA GLY A 131 -17.58 3.52 -6.22
C GLY A 131 -17.90 4.94 -6.67
N HIS A 132 -18.00 5.88 -5.74
CA HIS A 132 -18.37 7.25 -6.07
C HIS A 132 -17.23 8.06 -6.67
N ALA A 133 -16.02 7.53 -6.68
CA ALA A 133 -14.89 8.36 -7.10
C ALA A 133 -15.03 8.76 -8.57
N MET A 134 -14.52 9.95 -8.89
CA MET A 134 -14.48 10.54 -10.21
C MET A 134 -13.20 10.12 -10.94
N PRO A 135 -13.25 10.04 -12.28
CA PRO A 135 -12.01 9.85 -13.03
C PRO A 135 -11.15 11.11 -12.94
N PRO A 136 -9.82 10.97 -13.03
CA PRO A 136 -9.10 9.72 -13.27
C PRO A 136 -8.74 8.93 -12.02
N GLY A 137 -8.92 9.51 -10.84
CA GLY A 137 -8.60 8.78 -9.62
C GLY A 137 -9.39 7.49 -9.49
N SER A 138 -10.60 7.46 -10.02
CA SER A 138 -11.42 6.25 -9.96
C SER A 138 -10.76 5.06 -10.65
N GLU A 139 -9.81 5.30 -11.55
CA GLU A 139 -9.12 4.18 -12.22
C GLU A 139 -8.47 3.27 -11.20
N THR A 140 -7.93 3.84 -10.12
CA THR A 140 -7.27 3.03 -9.10
C THR A 140 -8.25 2.02 -8.51
N PHE A 141 -9.44 2.50 -8.15
CA PHE A 141 -10.41 1.64 -7.49
C PHE A 141 -11.09 0.70 -8.48
N ASP A 142 -11.44 1.19 -9.67
CA ASP A 142 -12.06 0.30 -10.66
C ASP A 142 -11.11 -0.81 -11.08
N GLN A 143 -9.83 -0.49 -11.27
CA GLN A 143 -8.89 -1.53 -11.69
C GLN A 143 -8.66 -2.53 -10.56
N LYS A 144 -8.59 -2.07 -9.32
CA LYS A 144 -8.40 -3.03 -8.23
C LYS A 144 -9.64 -3.90 -8.04
N MET A 145 -10.83 -3.34 -8.28
CA MET A 145 -12.04 -4.18 -8.23
C MET A 145 -12.06 -5.20 -9.36
N GLU A 146 -11.53 -4.85 -10.54
CA GLU A 146 -11.47 -5.82 -11.63
C GLU A 146 -10.62 -7.03 -11.22
N ILE A 147 -9.52 -6.77 -10.49
CA ILE A 147 -8.70 -7.87 -9.99
C ILE A 147 -9.48 -8.70 -8.96
N ARG A 148 -10.18 -8.02 -8.03
CA ARG A 148 -10.97 -8.75 -7.04
C ARG A 148 -12.02 -9.63 -7.72
N ASN A 149 -12.66 -9.12 -8.77
CA ASN A 149 -13.69 -9.89 -9.45
C ASN A 149 -13.08 -11.11 -10.14
N ALA A 150 -11.88 -10.97 -10.69
CA ALA A 150 -11.20 -12.10 -11.33
C ALA A 150 -10.76 -13.13 -10.29
N ILE A 151 -10.33 -12.66 -9.12
CA ILE A 151 -9.99 -13.56 -8.02
C ILE A 151 -11.22 -14.40 -7.64
N LYS A 152 -12.35 -13.73 -7.46
CA LYS A 152 -13.57 -14.45 -7.09
C LYS A 152 -13.97 -15.46 -8.16
N ALA A 153 -13.93 -15.03 -9.43
CA ALA A 153 -14.33 -15.93 -10.51
C ALA A 153 -13.43 -17.17 -10.55
N ALA A 154 -12.15 -17.00 -10.26
CA ALA A 154 -11.19 -18.11 -10.29
C ALA A 154 -11.22 -18.94 -9.02
N GLY A 155 -11.94 -18.50 -7.99
CA GLY A 155 -11.96 -19.23 -6.74
C GLY A 155 -10.70 -19.17 -5.91
N ILE A 156 -9.83 -18.18 -6.16
CA ILE A 156 -8.56 -18.09 -5.45
C ILE A 156 -8.78 -17.51 -4.07
N SER A 157 -8.23 -18.16 -3.04
CA SER A 157 -8.30 -17.62 -1.68
C SER A 157 -7.43 -16.37 -1.59
N HIS A 158 -7.85 -15.43 -0.76
CA HIS A 158 -7.26 -14.10 -0.78
C HIS A 158 -7.23 -13.45 0.60
N THR A 159 -6.41 -12.39 0.72
CA THR A 159 -6.54 -11.39 1.77
C THR A 159 -6.34 -10.02 1.14
N TYR A 160 -7.18 -9.07 1.52
CA TYR A 160 -7.08 -7.69 1.03
C TYR A 160 -6.66 -6.82 2.20
N LEU A 161 -5.46 -6.26 2.15
CA LEU A 161 -4.95 -5.42 3.23
C LEU A 161 -5.15 -3.96 2.84
N VAL A 162 -5.93 -3.23 3.64
CA VAL A 162 -6.42 -1.90 3.27
C VAL A 162 -6.43 -0.94 4.45
N GLY A 163 -6.65 0.33 4.15
CA GLY A 163 -7.24 1.27 5.08
C GLY A 163 -6.35 2.34 5.69
N ALA A 164 -5.13 2.56 5.18
CA ALA A 164 -4.22 3.53 5.78
C ALA A 164 -3.42 4.26 4.71
N CYS A 165 -3.05 5.50 5.03
CA CYS A 165 -2.13 6.31 4.24
C CYS A 165 -0.68 5.97 4.59
N PHE A 166 0.17 5.75 3.57
CA PHE A 166 1.60 5.62 3.82
C PHE A 166 2.12 6.92 4.43
N ALA A 167 2.89 6.81 5.52
CA ALA A 167 3.49 7.99 6.13
C ALA A 167 4.37 8.77 5.17
N ALA A 168 5.03 8.09 4.23
CA ALA A 168 5.91 8.79 3.30
C ALA A 168 5.15 9.84 2.50
N TYR A 169 3.91 9.55 2.12
CA TYR A 169 3.20 10.41 1.19
C TYR A 169 2.24 11.38 1.89
N PHE A 170 1.88 11.12 3.14
CA PHE A 170 0.87 11.90 3.83
C PHE A 170 1.32 12.36 5.19
N GLY A 171 2.31 11.71 5.80
CA GLY A 171 2.68 12.00 7.17
C GLY A 171 3.93 12.87 7.26
N GLY A 172 5.03 12.40 6.67
CA GLY A 172 6.28 13.12 6.79
C GLY A 172 6.26 14.51 6.19
N ASN A 173 5.33 14.77 5.26
CA ASN A 173 5.20 16.06 4.60
C ASN A 173 4.04 16.90 5.18
N LEU A 174 3.49 16.50 6.32
CA LEU A 174 2.29 17.16 6.87
C LEU A 174 1.18 17.25 5.82
N SER A 175 1.13 16.25 4.94
CA SER A 175 0.08 16.10 3.91
C SER A 175 0.11 17.20 2.86
N GLN A 176 1.24 17.90 2.70
CA GLN A 176 1.36 18.92 1.66
C GLN A 176 1.65 18.25 0.32
N MET A 177 0.90 18.63 -0.70
CA MET A 177 1.03 17.97 -2.00
C MET A 177 2.30 18.43 -2.71
N GLY A 178 2.84 17.53 -3.53
CA GLY A 178 3.94 17.87 -4.40
C GLY A 178 5.32 17.77 -3.78
N THR A 179 5.42 17.44 -2.50
CA THR A 179 6.68 17.31 -1.80
C THR A 179 6.54 16.22 -0.75
N LEU A 180 7.66 15.62 -0.36
CA LEU A 180 7.64 14.62 0.71
C LEU A 180 8.34 15.13 1.96
N PHE A 181 8.77 16.42 1.97
CA PHE A 181 9.37 17.08 3.13
C PHE A 181 8.35 18.00 3.79
N PRO A 182 8.41 18.14 5.11
CA PRO A 182 7.47 19.05 5.77
C PRO A 182 7.85 20.49 5.54
N PRO A 183 6.87 21.40 5.52
CA PRO A 183 7.17 22.82 5.31
C PRO A 183 7.80 23.44 6.55
N LYS A 184 8.50 24.56 6.32
CA LYS A 184 9.24 25.26 7.35
C LYS A 184 8.45 26.37 8.03
N ASN A 185 7.57 27.04 7.30
CA ASN A 185 6.94 28.23 7.88
C ASN A 185 5.43 28.22 7.76
N LYS A 186 4.89 27.76 6.63
CA LYS A 186 3.48 27.85 6.32
C LYS A 186 2.98 26.48 5.95
N VAL A 187 1.72 26.20 6.28
CA VAL A 187 1.11 24.91 5.99
C VAL A 187 -0.31 25.14 5.53
N ASP A 188 -0.72 24.40 4.48
CA ASP A 188 -2.11 24.37 4.04
C ASP A 188 -2.86 23.26 4.78
N ILE A 189 -3.98 23.63 5.40
CA ILE A 189 -4.83 22.71 6.15
C ILE A 189 -6.09 22.47 5.32
N TYR A 190 -6.44 21.20 5.10
CA TYR A 190 -7.60 20.88 4.28
C TYR A 190 -8.87 20.98 5.13
N GLY A 191 -9.79 21.84 4.70
CA GLY A 191 -10.98 22.08 5.49
C GLY A 191 -10.56 22.69 6.81
N ASP A 192 -11.12 22.21 7.93
CA ASP A 192 -10.68 22.70 9.22
C ASP A 192 -9.61 21.82 9.86
N GLY A 193 -9.08 20.84 9.13
CA GLY A 193 -8.04 20.00 9.72
C GLY A 193 -8.46 19.12 10.86
N ASN A 194 -9.76 18.88 11.07
CA ASN A 194 -10.23 18.09 12.21
C ASN A 194 -10.94 16.82 11.75
N VAL A 195 -10.51 16.26 10.62
CA VAL A 195 -11.03 15.00 10.08
C VAL A 195 -9.97 13.94 10.29
N LYS A 196 -10.33 12.86 10.97
CA LYS A 196 -9.38 11.80 11.29
C LYS A 196 -8.94 11.04 10.03
N VAL A 197 -7.63 10.86 9.91
CA VAL A 197 -6.96 10.10 8.86
C VAL A 197 -6.17 9.00 9.53
N VAL A 198 -5.99 7.88 8.84
CA VAL A 198 -5.18 6.78 9.35
C VAL A 198 -3.81 6.81 8.66
N PHE A 199 -2.74 6.86 9.45
CA PHE A 199 -1.37 6.88 8.96
C PHE A 199 -0.66 5.58 9.34
N VAL A 200 0.16 5.03 8.44
CA VAL A 200 1.01 3.90 8.80
C VAL A 200 2.34 4.03 8.08
N ASP A 201 3.42 3.78 8.81
CA ASP A 201 4.73 3.63 8.19
C ASP A 201 4.65 2.54 7.13
N GLU A 202 5.08 2.88 5.90
CA GLU A 202 5.09 1.87 4.84
C GLU A 202 5.85 0.61 5.25
N ASP A 203 6.90 0.74 6.07
CA ASP A 203 7.56 -0.46 6.61
C ASP A 203 6.60 -1.36 7.37
N ASP A 204 5.71 -0.76 8.16
CA ASP A 204 4.77 -1.56 8.95
C ASP A 204 3.66 -2.14 8.09
N MET A 205 3.23 -1.44 7.03
CA MET A 205 2.33 -2.07 6.08
C MET A 205 2.94 -3.38 5.57
N ALA A 206 4.26 -3.38 5.32
CA ALA A 206 4.91 -4.61 4.87
C ALA A 206 4.97 -5.66 5.97
N LYS A 207 5.23 -5.25 7.21
CA LYS A 207 5.22 -6.22 8.31
C LYS A 207 3.85 -6.89 8.44
N TYR A 208 2.76 -6.12 8.36
CA TYR A 208 1.44 -6.74 8.50
C TYR A 208 1.13 -7.65 7.31
N THR A 209 1.66 -7.32 6.12
CA THR A 209 1.53 -8.23 4.98
C THR A 209 2.14 -9.58 5.30
N ALA A 210 3.38 -9.58 5.80
CA ALA A 210 4.07 -10.83 6.09
C ALA A 210 3.39 -11.60 7.23
N LYS A 211 2.79 -10.89 8.19
CA LYS A 211 2.06 -11.55 9.28
C LYS A 211 0.77 -12.18 8.79
N THR A 212 0.04 -11.49 7.91
CA THR A 212 -1.32 -11.90 7.61
C THR A 212 -1.42 -12.99 6.55
N LEU A 213 -0.37 -13.20 5.75
CA LEU A 213 -0.55 -13.97 4.52
C LEU A 213 -0.72 -15.47 4.76
N ASN A 214 -0.41 -15.97 5.96
CA ASN A 214 -0.73 -17.36 6.30
C ASN A 214 -1.53 -17.45 7.59
N ASP A 215 -2.19 -16.37 7.98
CA ASP A 215 -3.02 -16.35 9.18
C ASP A 215 -4.39 -16.95 8.86
N PRO A 216 -4.79 -18.07 9.47
CA PRO A 216 -6.12 -18.61 9.14
C PRO A 216 -7.23 -17.61 9.44
N ARG A 217 -7.03 -16.70 10.39
CA ARG A 217 -8.07 -15.74 10.76
C ARG A 217 -8.38 -14.76 9.64
N THR A 218 -7.47 -14.60 8.67
CA THR A 218 -7.68 -13.62 7.62
C THR A 218 -7.89 -14.27 6.26
N LEU A 219 -8.12 -15.59 6.22
CA LEU A 219 -8.47 -16.24 4.96
C LEU A 219 -9.75 -15.63 4.38
N ASN A 220 -9.65 -15.15 3.14
CA ASN A 220 -10.78 -14.56 2.42
C ASN A 220 -11.39 -13.39 3.17
N LYS A 221 -10.54 -12.55 3.76
CA LYS A 221 -11.00 -11.39 4.52
C LYS A 221 -10.31 -10.13 4.02
N THR A 222 -11.01 -9.01 4.21
CA THR A 222 -10.40 -7.69 4.18
C THR A 222 -9.88 -7.39 5.58
N VAL A 223 -8.62 -6.97 5.66
CA VAL A 223 -7.96 -6.63 6.91
C VAL A 223 -7.64 -5.15 6.87
N TYR A 224 -8.10 -4.42 7.88
CA TYR A 224 -7.95 -2.97 7.98
C TYR A 224 -6.73 -2.65 8.84
N VAL A 225 -5.89 -1.74 8.36
CA VAL A 225 -4.70 -1.30 9.09
C VAL A 225 -5.02 0.02 9.76
N ARG A 226 -5.31 0.01 11.07
CA ARG A 226 -5.68 1.22 11.82
C ARG A 226 -4.93 1.31 13.14
N PRO A 227 -3.66 1.71 13.11
CA PRO A 227 -2.89 1.81 14.36
C PRO A 227 -3.42 2.97 15.21
N THR A 228 -3.88 2.65 16.43
CA THR A 228 -4.65 3.59 17.24
C THR A 228 -3.95 4.94 17.40
N ASP A 229 -2.66 4.92 17.73
CA ASP A 229 -1.93 6.17 17.96
C ASP A 229 -1.69 6.97 16.68
N ASN A 230 -1.94 6.36 15.52
CA ASN A 230 -1.75 7.01 14.23
C ASN A 230 -3.07 7.38 13.58
N ILE A 231 -4.18 7.33 14.31
CA ILE A 231 -5.45 7.86 13.83
C ILE A 231 -5.47 9.32 14.26
N LEU A 232 -5.17 10.20 13.32
CA LEU A 232 -4.83 11.59 13.61
C LEU A 232 -5.55 12.50 12.62
N THR A 233 -6.05 13.63 13.11
CA THR A 233 -6.44 14.68 12.18
C THR A 233 -5.20 15.36 11.62
N GLN A 234 -5.37 16.11 10.54
CA GLN A 234 -4.22 16.83 10.02
C GLN A 234 -3.70 17.85 11.02
N MET A 235 -4.60 18.49 11.79
CA MET A 235 -4.13 19.42 12.80
C MET A 235 -3.32 18.69 13.86
N GLU A 236 -3.74 17.49 14.26
CA GLU A 236 -2.95 16.73 15.22
C GLU A 236 -1.56 16.40 14.66
N LEU A 237 -1.50 15.97 13.40
CA LEU A 237 -0.22 15.72 12.76
C LEU A 237 0.65 16.97 12.77
N VAL A 238 0.08 18.11 12.39
CA VAL A 238 0.85 19.35 12.38
C VAL A 238 1.35 19.67 13.79
N GLN A 239 0.52 19.42 14.81
CA GLN A 239 0.95 19.74 16.17
C GLN A 239 2.09 18.85 16.64
N ILE A 240 2.14 17.60 16.17
CA ILE A 240 3.29 16.76 16.48
C ILE A 240 4.56 17.43 15.94
N TRP A 241 4.50 17.95 14.72
CA TRP A 241 5.65 18.60 14.10
C TRP A 241 6.01 19.88 14.82
N GLU A 242 5.00 20.68 15.17
CA GLU A 242 5.25 21.92 15.89
C GLU A 242 5.95 21.66 17.22
N LYS A 243 5.60 20.56 17.89
CA LYS A 243 6.26 20.18 19.13
C LYS A 243 7.71 19.78 18.88
N LEU A 244 7.96 18.98 17.84
CA LEU A 244 9.31 18.54 17.54
C LEU A 244 10.22 19.72 17.18
N THR A 245 9.69 20.73 16.49
CA THR A 245 10.48 21.85 16.03
C THR A 245 10.40 23.07 16.93
N GLU A 246 9.54 23.04 17.96
CA GLU A 246 9.36 24.17 18.88
C GLU A 246 9.00 25.46 18.12
N LYS A 247 8.14 25.32 17.12
CA LYS A 247 7.78 26.42 16.22
C LYS A 247 6.35 26.20 15.73
N GLU A 248 5.55 27.25 15.74
CA GLU A 248 4.20 27.19 15.19
C GLU A 248 4.22 27.53 13.71
N LEU A 249 3.48 26.75 12.90
CA LEU A 249 3.36 27.05 11.49
C LEU A 249 2.17 27.96 11.23
N GLU A 250 2.32 28.84 10.24
CA GLU A 250 1.22 29.70 9.81
C GLU A 250 0.25 28.89 8.96
N LYS A 251 -1.01 28.81 9.39
CA LYS A 251 -1.99 27.91 8.80
C LYS A 251 -2.93 28.66 7.86
N THR A 252 -3.12 28.11 6.68
CA THR A 252 -4.15 28.53 5.72
C THR A 252 -5.17 27.41 5.57
N TYR A 253 -6.45 27.70 5.84
CA TYR A 253 -7.50 26.70 5.77
C TYR A 253 -8.12 26.72 4.38
N VAL A 254 -8.09 25.58 3.70
CA VAL A 254 -8.48 25.49 2.30
C VAL A 254 -9.85 24.85 2.20
N SER A 255 -10.83 25.58 1.65
CA SER A 255 -12.16 25.03 1.49
C SER A 255 -12.16 23.93 0.44
N GLY A 256 -13.15 23.05 0.55
CA GLY A 256 -13.33 22.03 -0.48
C GLY A 256 -13.45 22.63 -1.87
N ASN A 257 -14.20 23.73 -1.98
CA ASN A 257 -14.39 24.38 -3.27
C ASN A 257 -13.06 24.87 -3.83
N ASP A 258 -12.24 25.51 -2.99
CA ASP A 258 -10.94 25.99 -3.46
C ASP A 258 -9.97 24.84 -3.73
N PHE A 259 -10.05 23.75 -2.95
CA PHE A 259 -9.15 22.61 -3.16
C PHE A 259 -9.35 22.01 -4.55
N LEU A 260 -10.60 21.90 -4.98
CA LEU A 260 -10.95 21.29 -6.26
C LEU A 260 -10.96 22.28 -7.41
N ALA A 261 -10.65 23.56 -7.15
CA ALA A 261 -10.78 24.56 -8.20
C ALA A 261 -9.88 24.24 -9.37
N ASP A 262 -10.41 24.44 -10.58
CA ASP A 262 -9.63 24.28 -11.82
C ASP A 262 -9.16 22.85 -12.03
N ILE A 263 -9.79 21.87 -11.37
CA ILE A 263 -9.25 20.51 -11.42
C ILE A 263 -9.17 19.99 -12.85
N GLU A 264 -10.14 20.36 -13.69
CA GLU A 264 -10.14 19.87 -15.06
C GLU A 264 -8.94 20.35 -15.87
N ASP A 265 -8.26 21.42 -15.43
CA ASP A 265 -7.11 21.94 -16.15
C ASP A 265 -5.79 21.36 -15.66
N LYS A 266 -5.80 20.53 -14.62
CA LYS A 266 -4.56 20.02 -14.06
C LYS A 266 -4.09 18.77 -14.81
N GLU A 267 -2.81 18.46 -14.63
CA GLU A 267 -2.26 17.21 -15.14
C GLU A 267 -2.99 16.02 -14.54
N ILE A 268 -3.09 14.95 -15.33
CA ILE A 268 -3.86 13.77 -14.92
C ILE A 268 -3.42 13.26 -13.56
N SER A 269 -2.10 13.16 -13.33
CA SER A 269 -1.67 12.59 -12.05
C SER A 269 -2.01 13.51 -10.90
N HIS A 270 -2.05 14.82 -11.15
CA HIS A 270 -2.49 15.74 -10.10
C HIS A 270 -3.99 15.64 -9.87
N GLN A 271 -4.78 15.48 -10.94
CA GLN A 271 -6.21 15.28 -10.76
C GLN A 271 -6.49 14.06 -9.90
N ALA A 272 -5.76 12.96 -10.16
CA ALA A 272 -5.91 11.76 -9.33
C ALA A 272 -5.57 12.05 -7.88
N GLY A 273 -4.44 12.74 -7.64
CA GLY A 273 -4.07 13.08 -6.28
C GLY A 273 -5.11 13.93 -5.59
N LEU A 274 -5.61 14.97 -6.27
CA LEU A 274 -6.66 15.80 -5.68
C LEU A 274 -7.87 14.96 -5.29
N GLY A 275 -8.27 14.03 -6.15
CA GLY A 275 -9.43 13.20 -5.83
C GLY A 275 -9.18 12.34 -4.60
N HIS A 276 -8.02 11.68 -4.55
CA HIS A 276 -7.71 10.84 -3.39
C HIS A 276 -7.67 11.69 -2.11
N PHE A 277 -6.94 12.80 -2.14
CA PHE A 277 -6.89 13.69 -0.98
C PHE A 277 -8.27 14.16 -0.58
N TYR A 278 -9.15 14.42 -1.55
CA TYR A 278 -10.49 14.86 -1.21
C TYR A 278 -11.22 13.79 -0.40
N HIS A 279 -11.14 12.54 -0.83
CA HIS A 279 -11.82 11.48 -0.10
C HIS A 279 -11.25 11.33 1.30
N ILE A 280 -9.94 11.46 1.44
CA ILE A 280 -9.29 11.21 2.72
C ILE A 280 -9.53 12.36 3.70
N TYR A 281 -9.28 13.59 3.27
CA TYR A 281 -9.23 14.73 4.17
C TYR A 281 -10.53 15.51 4.26
N TYR A 282 -11.35 15.50 3.21
CA TYR A 282 -12.61 16.21 3.26
C TYR A 282 -13.78 15.29 3.58
N GLU A 283 -13.79 14.08 3.01
CA GLU A 283 -14.85 13.13 3.30
C GLU A 283 -14.52 12.21 4.47
N GLY A 284 -13.27 12.12 4.89
CA GLY A 284 -12.90 11.25 5.99
C GLY A 284 -13.10 9.79 5.69
N CYS A 285 -12.78 9.37 4.47
CA CYS A 285 -13.14 8.03 4.02
C CYS A 285 -12.41 6.92 4.78
N LEU A 286 -11.27 7.22 5.42
CA LEU A 286 -10.56 6.17 6.13
C LEU A 286 -11.10 5.94 7.54
N THR A 287 -11.98 6.82 8.03
CA THR A 287 -12.44 6.74 9.41
C THR A 287 -13.95 6.87 9.53
N ASP A 288 -14.68 6.86 8.42
CA ASP A 288 -16.12 7.03 8.45
C ASP A 288 -16.87 5.69 8.55
N HIS A 289 -16.17 4.62 8.90
CA HIS A 289 -16.76 3.31 9.13
C HIS A 289 -16.02 2.64 10.26
N GLU A 290 -16.76 1.84 11.05
CA GLU A 290 -16.17 1.12 12.16
C GLU A 290 -15.71 -0.25 11.70
N VAL A 291 -14.64 -0.74 12.32
CA VAL A 291 -14.15 -2.08 12.03
C VAL A 291 -13.94 -2.83 13.33
N GLY A 292 -14.11 -4.15 13.27
CA GLY A 292 -13.94 -4.98 14.44
C GLY A 292 -12.49 -5.34 14.71
N ASP A 293 -12.23 -5.65 15.98
CA ASP A 293 -10.89 -6.08 16.37
C ASP A 293 -10.45 -7.31 15.60
N ASP A 294 -11.39 -8.17 15.21
CA ASP A 294 -11.06 -9.42 14.53
C ASP A 294 -10.69 -9.21 13.07
N GLU A 295 -10.71 -7.96 12.60
CA GLU A 295 -10.34 -7.66 11.22
C GLU A 295 -9.43 -6.44 11.14
N GLU A 296 -8.76 -6.08 12.24
CA GLU A 296 -7.88 -4.92 12.26
C GLU A 296 -6.45 -5.37 12.57
N ALA A 297 -5.49 -4.90 11.77
CA ALA A 297 -4.15 -5.48 11.78
C ALA A 297 -3.47 -5.36 13.13
N THR A 298 -3.56 -4.20 13.80
CA THR A 298 -2.78 -4.07 15.03
C THR A 298 -3.36 -4.91 16.16
N LYS A 299 -4.65 -5.26 16.10
CA LYS A 299 -5.21 -6.16 17.10
C LYS A 299 -4.91 -7.61 16.76
N LEU A 300 -4.90 -7.96 15.47
CA LEU A 300 -4.51 -9.30 15.05
C LEU A 300 -3.04 -9.58 15.33
N TYR A 301 -2.18 -8.58 15.14
CA TYR A 301 -0.72 -8.73 15.22
C TYR A 301 -0.18 -7.71 16.21
N PRO A 302 -0.53 -7.86 17.49
CA PRO A 302 -0.16 -6.83 18.47
C PRO A 302 1.31 -6.81 18.80
N ASP A 303 2.06 -7.83 18.38
CA ASP A 303 3.50 -7.86 18.59
C ASP A 303 4.26 -6.95 17.64
N VAL A 304 3.62 -6.42 16.60
CA VAL A 304 4.26 -5.43 15.74
C VAL A 304 4.20 -4.10 16.46
N LYS A 305 5.35 -3.58 16.89
CA LYS A 305 5.40 -2.29 17.56
C LYS A 305 5.46 -1.22 16.47
N TYR A 306 4.29 -0.80 16.02
CA TYR A 306 4.25 0.08 14.86
C TYR A 306 4.85 1.43 15.17
N LYS A 307 5.43 2.04 14.14
CA LYS A 307 6.08 3.34 14.30
C LYS A 307 5.02 4.43 14.43
N ARG A 308 5.16 5.27 15.46
CA ARG A 308 4.26 6.39 15.60
C ARG A 308 4.77 7.58 14.78
N MET A 309 3.88 8.55 14.55
CA MET A 309 4.28 9.62 13.62
C MET A 309 5.27 10.61 14.24
N ASP A 310 5.32 10.73 15.57
CA ASP A 310 6.39 11.55 16.12
C ASP A 310 7.76 10.95 15.84
N GLU A 311 7.87 9.61 15.85
CA GLU A 311 9.13 8.98 15.49
C GLU A 311 9.42 9.10 14.00
N TYR A 312 8.40 8.91 13.16
CA TYR A 312 8.59 9.03 11.71
C TYR A 312 9.14 10.40 11.33
N LEU A 313 8.63 11.46 11.97
CA LEU A 313 8.98 12.83 11.63
C LEU A 313 10.35 13.27 12.14
N LYS A 314 10.97 12.53 13.07
CA LYS A 314 12.14 13.08 13.76
C LYS A 314 13.28 13.36 12.80
N ILE A 315 13.50 12.50 11.80
CA ILE A 315 14.65 12.68 10.91
C ILE A 315 14.49 13.94 10.05
N PHE A 316 13.27 14.47 9.90
CA PHE A 316 13.08 15.67 9.10
C PHE A 316 13.45 16.96 9.83
N VAL A 317 13.57 16.95 11.16
CA VAL A 317 13.76 18.26 11.79
C VAL A 317 15.22 18.68 11.65
#